data_1F1Z
#
_entry.id   1F1Z
#
_cell.length_a   38.35
_cell.length_b   83.68
_cell.length_c   97.94
_cell.angle_alpha   90.0
_cell.angle_beta   94.07
_cell.angle_gamma   90.0
#
_symmetry.space_group_name_H-M   'P 1 21 1'
#
loop_
_entity.id
_entity.type
_entity.pdbx_description
1 polymer 'TNSA ENDONUCLEASE'
2 non-polymer 'MAGNESIUM ION'
3 non-polymer 'CHLORIDE ION'
4 water water
#
_entity_poly.entity_id   1
_entity_poly.type   'polypeptide(L)'
_entity_poly.pdbx_seq_one_letter_code
;MAKANSSFSEVQIARRIKEGRGQGHGKDYIPWLTVQEVPSSGRSHRIYSHKTGRVHHLLSDLELAVFLSLEWESSVLDIR
EQFPLLPSDTRQIAIDSGIKHPVIRGVDQVMSTDFLVDCKDGPFEQFAIQVKPAAALQDERTLEKLELERRYWQQKQIPW
FIFTDKEINPVVKENIEWLYSVKTEEVSAELLAQLSPLAHILQEKGDENIINVCKQVDIAYDLELGKTLSEIRALTANGF
IKFNIYKSFRANKCADLCISQVVNMEELRYVAN
;
_entity_poly.pdbx_strand_id   A,B
#
loop_
_chem_comp.id
_chem_comp.type
_chem_comp.name
_chem_comp.formula
CL non-polymer 'CHLORIDE ION' 'Cl -1'
MG non-polymer 'MAGNESIUM ION' 'Mg 2'
#
# COMPACT_ATOMS: atom_id res chain seq x y z
N PHE A 8 -13.47 12.30 -18.28
CA PHE A 8 -13.74 13.50 -17.49
C PHE A 8 -13.13 14.77 -18.12
N SER A 9 -11.80 14.80 -18.22
CA SER A 9 -11.08 15.96 -18.76
C SER A 9 -10.22 15.65 -20.00
N GLU A 10 -10.30 16.51 -21.01
CA GLU A 10 -9.53 16.35 -22.25
C GLU A 10 -8.14 16.96 -22.11
N VAL A 11 -7.38 16.99 -23.21
CA VAL A 11 -6.02 17.56 -23.19
C VAL A 11 -6.00 18.97 -22.60
N GLN A 12 -7.17 19.60 -22.55
CA GLN A 12 -7.33 20.94 -21.98
C GLN A 12 -6.87 21.04 -20.50
N ILE A 13 -6.63 19.89 -19.87
CA ILE A 13 -6.14 19.79 -18.49
C ILE A 13 -5.05 20.84 -18.25
N ALA A 14 -4.27 21.13 -19.29
CA ALA A 14 -3.20 22.09 -19.23
C ALA A 14 -3.68 23.43 -18.69
N ARG A 15 -4.89 23.83 -19.05
CA ARG A 15 -5.43 25.09 -18.56
C ARG A 15 -5.83 25.00 -17.10
N ARG A 16 -6.42 23.87 -16.70
CA ARG A 16 -6.81 23.66 -15.31
C ARG A 16 -5.56 23.80 -14.43
N ILE A 17 -4.45 23.31 -14.96
CA ILE A 17 -3.15 23.39 -14.28
C ILE A 17 -2.77 24.86 -14.08
N LYS A 18 -3.11 25.70 -15.08
CA LYS A 18 -2.83 27.14 -15.03
C LYS A 18 -3.76 27.88 -14.07
N GLU A 19 -4.97 27.38 -13.90
CA GLU A 19 -5.95 27.97 -12.99
C GLU A 19 -5.44 27.94 -11.54
N GLY A 20 -4.39 27.14 -11.29
CA GLY A 20 -3.81 27.03 -9.96
C GLY A 20 -4.31 25.80 -9.21
N ARG A 21 -5.16 25.02 -9.87
CA ARG A 21 -5.72 23.82 -9.30
C ARG A 21 -4.65 22.91 -8.69
N GLY A 22 -4.69 22.78 -7.37
CA GLY A 22 -3.73 21.93 -6.69
C GLY A 22 -2.60 22.70 -6.03
N GLN A 23 -2.59 24.02 -6.20
CA GLN A 23 -1.54 24.82 -5.61
C GLN A 23 -2.03 25.69 -4.45
N GLY A 24 -1.06 26.18 -3.67
CA GLY A 24 -1.35 27.01 -2.52
C GLY A 24 -1.92 26.17 -1.40
N HIS A 25 -2.21 26.80 -0.27
CA HIS A 25 -2.81 26.12 0.86
C HIS A 25 -3.75 27.00 1.64
N GLY A 26 -4.26 26.47 2.75
CA GLY A 26 -5.18 27.23 3.57
C GLY A 26 -6.28 27.72 2.66
N LYS A 27 -6.67 28.97 2.84
CA LYS A 27 -7.73 29.56 2.04
C LYS A 27 -7.33 29.74 0.57
N ASP A 28 -6.04 29.65 0.29
CA ASP A 28 -5.57 29.85 -1.08
C ASP A 28 -5.50 28.59 -1.93
N TYR A 29 -5.64 27.42 -1.29
CA TYR A 29 -5.60 26.15 -2.00
C TYR A 29 -6.86 25.93 -2.84
N ILE A 30 -6.66 25.47 -4.07
CA ILE A 30 -7.77 25.19 -4.98
C ILE A 30 -7.75 23.68 -5.24
N PRO A 31 -8.85 22.96 -4.94
CA PRO A 31 -8.91 21.51 -5.18
C PRO A 31 -8.74 21.22 -6.66
N TRP A 32 -8.31 20.00 -7.01
CA TRP A 32 -8.16 19.63 -8.42
C TRP A 32 -9.54 19.31 -8.94
N LEU A 33 -10.33 18.63 -8.11
CA LEU A 33 -11.70 18.28 -8.45
C LEU A 33 -12.60 19.13 -7.56
N THR A 34 -13.75 19.55 -8.09
CA THR A 34 -14.69 20.35 -7.33
C THR A 34 -16.01 19.60 -7.30
N VAL A 35 -16.98 20.15 -6.59
CA VAL A 35 -18.29 19.56 -6.46
C VAL A 35 -19.01 19.38 -7.81
N GLN A 36 -18.63 20.17 -8.81
CA GLN A 36 -19.24 20.06 -10.14
C GLN A 36 -18.82 18.76 -10.84
N GLU A 37 -17.72 18.17 -10.38
CA GLU A 37 -17.17 16.92 -10.92
C GLU A 37 -17.67 15.71 -10.14
N VAL A 38 -18.88 15.79 -9.58
CA VAL A 38 -19.44 14.69 -8.81
C VAL A 38 -20.17 13.66 -9.70
N PRO A 39 -19.77 12.38 -9.61
CA PRO A 39 -20.37 11.29 -10.39
C PRO A 39 -21.45 10.49 -9.66
N SER A 40 -22.32 9.87 -10.46
CA SER A 40 -23.42 9.02 -9.98
C SER A 40 -24.33 9.72 -8.98
N SER A 41 -25.07 8.92 -8.20
CA SER A 41 -25.96 9.45 -7.17
C SER A 41 -25.08 10.03 -6.05
N GLY A 42 -23.79 9.70 -6.08
CA GLY A 42 -22.84 10.15 -5.10
C GLY A 42 -23.00 11.63 -4.82
N ARG A 43 -23.50 11.95 -3.63
CA ARG A 43 -23.74 13.33 -3.23
C ARG A 43 -22.42 14.01 -2.89
N SER A 44 -22.31 15.28 -3.26
CA SER A 44 -21.14 16.09 -3.00
C SER A 44 -21.46 17.10 -1.89
N HIS A 45 -20.42 17.67 -1.28
CA HIS A 45 -20.59 18.63 -0.19
C HIS A 45 -19.60 19.76 -0.25
N ARG A 46 -20.06 20.94 0.14
CA ARG A 46 -19.22 22.13 0.20
C ARG A 46 -19.38 22.57 1.66
N ILE A 47 -18.37 22.28 2.46
CA ILE A 47 -18.39 22.57 3.89
C ILE A 47 -17.28 23.56 4.21
N TYR A 48 -17.54 24.47 5.12
CA TYR A 48 -16.56 25.45 5.54
C TYR A 48 -15.62 24.84 6.57
N SER A 49 -14.40 25.35 6.65
CA SER A 49 -13.41 24.86 7.59
C SER A 49 -12.86 26.02 8.40
N HIS A 50 -12.80 25.84 9.72
CA HIS A 50 -12.26 26.87 10.60
C HIS A 50 -10.75 26.95 10.42
N LYS A 51 -10.13 25.79 10.28
CA LYS A 51 -8.69 25.72 10.13
C LYS A 51 -8.20 26.43 8.87
N THR A 52 -8.82 26.14 7.72
CA THR A 52 -8.39 26.73 6.46
C THR A 52 -9.09 28.02 6.12
N GLY A 53 -10.23 28.26 6.75
CA GLY A 53 -10.97 29.47 6.47
C GLY A 53 -11.62 29.43 5.09
N ARG A 54 -11.74 28.26 4.48
CA ARG A 54 -12.36 28.17 3.16
C ARG A 54 -13.39 27.03 3.09
N VAL A 55 -14.10 26.96 1.97
CA VAL A 55 -15.09 25.91 1.76
C VAL A 55 -14.44 24.78 0.94
N HIS A 56 -14.58 23.54 1.42
CA HIS A 56 -13.96 22.37 0.79
C HIS A 56 -14.94 21.56 -0.06
N HIS A 57 -14.44 20.90 -1.09
CA HIS A 57 -15.27 20.08 -1.99
C HIS A 57 -15.09 18.61 -1.72
N LEU A 58 -16.15 17.96 -1.25
CA LEU A 58 -16.10 16.54 -0.95
C LEU A 58 -17.05 15.91 -1.95
N LEU A 59 -16.66 14.78 -2.51
CA LEU A 59 -17.46 14.14 -3.53
C LEU A 59 -18.35 12.95 -3.12
N SER A 60 -18.44 12.68 -1.83
CA SER A 60 -19.29 11.60 -1.34
C SER A 60 -19.51 11.79 0.16
N ASP A 61 -20.51 11.10 0.70
CA ASP A 61 -20.82 11.18 2.11
C ASP A 61 -19.66 10.61 2.92
N LEU A 62 -18.98 9.63 2.34
CA LEU A 62 -17.85 8.98 2.98
C LEU A 62 -16.69 9.99 3.15
N GLU A 63 -16.42 10.77 2.09
CA GLU A 63 -15.38 11.77 2.15
C GLU A 63 -15.75 12.86 3.16
N LEU A 64 -17.05 13.15 3.26
CA LEU A 64 -17.55 14.16 4.19
C LEU A 64 -17.21 13.66 5.60
N ALA A 65 -17.53 12.40 5.85
CA ALA A 65 -17.26 11.81 7.14
C ALA A 65 -15.78 11.91 7.50
N VAL A 66 -14.91 11.76 6.52
CA VAL A 66 -13.47 11.83 6.76
C VAL A 66 -13.07 13.28 7.01
N PHE A 67 -13.61 14.19 6.22
CA PHE A 67 -13.31 15.60 6.36
C PHE A 67 -13.68 16.09 7.77
N LEU A 68 -14.88 15.74 8.23
CA LEU A 68 -15.36 16.12 9.54
C LEU A 68 -14.38 15.63 10.62
N SER A 69 -13.87 14.40 10.47
CA SER A 69 -12.91 13.85 11.43
C SER A 69 -11.63 14.66 11.39
N LEU A 70 -11.22 15.08 10.20
CA LEU A 70 -10.01 15.87 10.05
C LEU A 70 -10.19 17.23 10.69
N GLU A 71 -11.28 17.90 10.38
CA GLU A 71 -11.57 19.22 10.92
C GLU A 71 -11.62 19.19 12.46
N TRP A 72 -12.06 18.07 13.03
CA TRP A 72 -12.16 17.89 14.49
C TRP A 72 -10.81 17.78 15.17
N GLU A 73 -9.86 17.12 14.51
CA GLU A 73 -8.53 16.92 15.07
C GLU A 73 -7.78 18.19 15.36
N SER A 74 -7.30 18.31 16.61
CA SER A 74 -6.55 19.47 17.06
C SER A 74 -5.21 19.54 16.34
N SER A 75 -4.61 18.37 16.14
CA SER A 75 -3.31 18.27 15.48
C SER A 75 -3.28 18.57 13.98
N VAL A 76 -4.45 18.61 13.34
CA VAL A 76 -4.50 18.88 11.91
C VAL A 76 -4.41 20.37 11.68
N LEU A 77 -3.53 20.80 10.79
CA LEU A 77 -3.34 22.23 10.47
C LEU A 77 -3.93 22.63 9.14
N ASP A 78 -3.80 21.75 8.15
CA ASP A 78 -4.34 22.03 6.82
C ASP A 78 -4.91 20.77 6.20
N ILE A 79 -5.93 20.95 5.37
CA ILE A 79 -6.60 19.86 4.70
C ILE A 79 -6.73 20.30 3.25
N ARG A 80 -5.95 19.66 2.38
CA ARG A 80 -5.98 19.97 0.97
C ARG A 80 -6.59 18.77 0.25
N GLU A 81 -7.90 18.85 0.03
CA GLU A 81 -8.66 17.79 -0.60
C GLU A 81 -8.47 17.72 -2.12
N GLN A 82 -8.78 16.54 -2.68
CA GLN A 82 -8.64 16.28 -4.11
C GLN A 82 -7.26 16.78 -4.61
N PHE A 83 -6.21 16.34 -3.95
CA PHE A 83 -4.84 16.74 -4.26
C PHE A 83 -4.31 15.95 -5.47
N PRO A 84 -3.88 16.66 -6.52
CA PRO A 84 -3.34 16.08 -7.77
C PRO A 84 -1.94 15.49 -7.63
N LEU A 85 -1.75 14.34 -8.27
CA LEU A 85 -0.47 13.65 -8.25
C LEU A 85 0.24 13.98 -9.57
N LEU A 86 1.50 14.40 -9.49
CA LEU A 86 2.27 14.78 -10.68
C LEU A 86 2.24 13.69 -11.75
N PRO A 87 1.69 14.03 -12.93
CA PRO A 87 1.57 13.14 -14.09
C PRO A 87 2.86 12.44 -14.49
N SER A 88 3.98 13.16 -14.49
CA SER A 88 5.25 12.55 -14.87
C SER A 88 5.59 11.40 -13.92
N ASP A 89 5.31 11.59 -12.64
CA ASP A 89 5.57 10.58 -11.61
C ASP A 89 4.65 9.38 -11.78
N THR A 90 3.37 9.64 -12.00
CA THR A 90 2.41 8.57 -12.17
C THR A 90 2.60 7.76 -13.46
N ARG A 91 3.06 8.40 -14.53
CA ARG A 91 3.31 7.69 -15.79
C ARG A 91 4.48 6.74 -15.58
N GLN A 92 5.51 7.25 -14.90
CA GLN A 92 6.71 6.48 -14.57
C GLN A 92 6.33 5.26 -13.72
N ILE A 93 5.51 5.48 -12.72
CA ILE A 93 5.04 4.42 -11.85
C ILE A 93 4.23 3.38 -12.63
N ALA A 94 3.34 3.86 -13.51
CA ALA A 94 2.51 2.98 -14.31
C ALA A 94 3.41 2.10 -15.15
N ILE A 95 4.44 2.71 -15.71
CA ILE A 95 5.41 2.01 -16.55
C ILE A 95 6.18 0.97 -15.73
N ASP A 96 6.74 1.39 -14.61
CA ASP A 96 7.50 0.51 -13.75
C ASP A 96 6.69 -0.64 -13.15
N SER A 97 5.38 -0.48 -13.06
CA SER A 97 4.53 -1.53 -12.50
C SER A 97 3.79 -2.37 -13.53
N GLY A 98 3.67 -1.85 -14.76
CA GLY A 98 2.96 -2.58 -15.79
C GLY A 98 1.46 -2.41 -15.63
N ILE A 99 1.06 -1.27 -15.07
CA ILE A 99 -0.34 -0.98 -14.88
C ILE A 99 -0.72 0.14 -15.84
N LYS A 100 -1.84 -0.04 -16.54
CA LYS A 100 -2.32 0.97 -17.48
C LYS A 100 -2.66 2.26 -16.75
N HIS A 101 -1.87 3.31 -16.98
CA HIS A 101 -2.13 4.59 -16.35
C HIS A 101 -3.54 5.03 -16.73
N PRO A 102 -4.30 5.60 -15.78
CA PRO A 102 -5.67 6.03 -16.09
C PRO A 102 -5.74 6.81 -17.41
N VAL A 103 -6.61 6.34 -18.30
CA VAL A 103 -6.79 6.96 -19.61
C VAL A 103 -8.27 7.08 -19.95
N ILE A 104 -8.61 8.17 -20.63
CA ILE A 104 -9.98 8.38 -21.06
C ILE A 104 -9.85 8.96 -22.45
N ARG A 105 -10.29 8.18 -23.44
CA ARG A 105 -10.23 8.57 -24.84
C ARG A 105 -8.79 8.88 -25.23
N GLY A 106 -7.87 8.01 -24.86
CA GLY A 106 -6.47 8.20 -25.19
C GLY A 106 -5.72 9.24 -24.38
N VAL A 107 -6.42 10.17 -23.75
CA VAL A 107 -5.75 11.19 -22.93
C VAL A 107 -5.53 10.61 -21.53
N ASP A 108 -4.27 10.56 -21.11
CA ASP A 108 -3.97 10.04 -19.77
C ASP A 108 -4.50 11.05 -18.78
N GLN A 109 -5.19 10.55 -17.77
CA GLN A 109 -5.81 11.41 -16.76
C GLN A 109 -4.90 11.76 -15.59
N VAL A 110 -5.19 12.89 -14.93
CA VAL A 110 -4.43 13.32 -13.76
C VAL A 110 -5.07 12.70 -12.52
N MET A 111 -4.29 11.89 -11.82
CA MET A 111 -4.76 11.22 -10.61
C MET A 111 -4.75 12.17 -9.43
N SER A 112 -5.54 11.84 -8.41
CA SER A 112 -5.61 12.68 -7.23
C SER A 112 -5.91 11.88 -5.99
N THR A 113 -5.29 12.30 -4.88
CA THR A 113 -5.53 11.69 -3.59
C THR A 113 -6.67 12.51 -2.95
N ASP A 114 -7.57 11.83 -2.26
CA ASP A 114 -8.72 12.49 -1.66
C ASP A 114 -8.36 13.57 -0.63
N PHE A 115 -7.36 13.31 0.22
CA PHE A 115 -6.92 14.29 1.21
C PHE A 115 -5.41 14.28 1.45
N LEU A 116 -4.81 15.46 1.48
CA LEU A 116 -3.39 15.60 1.80
C LEU A 116 -3.50 16.49 3.03
N VAL A 117 -3.06 16.00 4.17
CA VAL A 117 -3.17 16.78 5.40
C VAL A 117 -1.86 17.01 6.13
N ASP A 118 -1.70 18.23 6.66
CA ASP A 118 -0.51 18.64 7.41
C ASP A 118 -0.85 18.67 8.91
N CYS A 119 0.14 18.34 9.74
CA CYS A 119 -0.04 18.29 11.19
C CYS A 119 0.97 19.14 11.95
N LYS A 120 0.64 19.44 13.20
CA LYS A 120 1.51 20.25 14.03
C LYS A 120 2.34 19.46 15.06
N ASP A 121 1.85 18.30 15.47
CA ASP A 121 2.61 17.49 16.45
C ASP A 121 2.28 16.02 16.49
N GLY A 122 1.66 15.51 15.42
CA GLY A 122 1.34 14.10 15.36
C GLY A 122 2.62 13.32 15.06
N PRO A 123 2.55 12.00 14.90
CA PRO A 123 3.74 11.19 14.60
C PRO A 123 4.47 11.63 13.31
N PHE A 124 3.69 12.07 12.33
CA PHE A 124 4.24 12.52 11.06
C PHE A 124 3.63 13.89 10.74
N GLU A 125 4.47 14.79 10.25
CA GLU A 125 4.05 16.14 9.91
C GLU A 125 3.15 16.25 8.70
N GLN A 126 2.99 15.17 7.97
CA GLN A 126 2.19 15.19 6.76
C GLN A 126 1.79 13.76 6.41
N PHE A 127 0.56 13.58 5.93
CA PHE A 127 0.10 12.26 5.51
C PHE A 127 -1.05 12.41 4.51
N ALA A 128 -1.29 11.36 3.71
CA ALA A 128 -2.31 11.37 2.67
C ALA A 128 -3.36 10.31 2.95
N ILE A 129 -4.57 10.54 2.41
CA ILE A 129 -5.69 9.63 2.60
C ILE A 129 -6.51 9.43 1.33
N GLN A 130 -6.85 8.17 1.06
CA GLN A 130 -7.70 7.84 -0.08
C GLN A 130 -8.94 7.25 0.52
N VAL A 131 -10.08 7.84 0.21
CA VAL A 131 -11.36 7.37 0.71
C VAL A 131 -12.05 6.51 -0.35
N LYS A 132 -12.47 5.31 0.05
CA LYS A 132 -13.17 4.39 -0.85
C LYS A 132 -14.03 3.41 -0.07
N PRO A 133 -15.23 3.10 -0.59
CA PRO A 133 -16.09 2.15 0.12
C PRO A 133 -15.45 0.76 0.06
N ALA A 134 -15.52 0.01 1.17
CA ALA A 134 -14.93 -1.32 1.24
C ALA A 134 -15.18 -2.21 0.02
N ALA A 135 -16.41 -2.17 -0.49
CA ALA A 135 -16.79 -2.96 -1.66
C ALA A 135 -15.93 -2.67 -2.89
N ALA A 136 -15.48 -1.43 -3.04
CA ALA A 136 -14.68 -1.02 -4.19
C ALA A 136 -13.34 -1.74 -4.30
N LEU A 137 -12.86 -2.28 -3.19
CA LEU A 137 -11.60 -3.00 -3.21
C LEU A 137 -11.72 -4.39 -3.84
N GLN A 138 -12.94 -4.81 -4.16
CA GLN A 138 -13.19 -6.12 -4.79
C GLN A 138 -13.08 -6.03 -6.31
N ASP A 139 -12.72 -4.86 -6.82
CA ASP A 139 -12.60 -4.62 -8.24
C ASP A 139 -11.13 -4.52 -8.59
N GLU A 140 -10.69 -5.33 -9.55
CA GLU A 140 -9.28 -5.35 -9.95
C GLU A 140 -8.71 -4.02 -10.41
N ARG A 141 -9.46 -3.29 -11.22
CA ARG A 141 -9.00 -2.01 -11.73
C ARG A 141 -8.80 -0.97 -10.62
N THR A 142 -9.69 -0.98 -9.64
CA THR A 142 -9.58 -0.05 -8.52
C THR A 142 -8.27 -0.33 -7.80
N LEU A 143 -8.02 -1.61 -7.51
CA LEU A 143 -6.80 -2.03 -6.84
C LEU A 143 -5.57 -1.55 -7.59
N GLU A 144 -5.59 -1.67 -8.92
CA GLU A 144 -4.46 -1.23 -9.74
C GLU A 144 -4.25 0.28 -9.54
N LYS A 145 -5.34 1.05 -9.63
CA LYS A 145 -5.25 2.49 -9.44
C LYS A 145 -4.73 2.82 -8.04
N LEU A 146 -5.18 2.05 -7.05
CA LEU A 146 -4.77 2.24 -5.67
C LEU A 146 -3.27 1.95 -5.49
N GLU A 147 -2.75 1.00 -6.26
CA GLU A 147 -1.33 0.68 -6.18
C GLU A 147 -0.51 1.85 -6.76
N LEU A 148 -1.01 2.44 -7.85
CA LEU A 148 -0.33 3.57 -8.46
C LEU A 148 -0.21 4.67 -7.42
N GLU A 149 -1.33 4.94 -6.75
CA GLU A 149 -1.40 5.98 -5.73
C GLU A 149 -0.50 5.66 -4.54
N ARG A 150 -0.56 4.42 -4.08
CA ARG A 150 0.25 4.00 -2.94
C ARG A 150 1.74 4.21 -3.22
N ARG A 151 2.19 3.77 -4.39
CA ARG A 151 3.58 3.92 -4.76
C ARG A 151 4.00 5.37 -4.84
N TYR A 152 3.11 6.22 -5.35
CA TYR A 152 3.39 7.63 -5.51
C TYR A 152 3.79 8.24 -4.17
N TRP A 153 2.97 8.02 -3.15
CA TRP A 153 3.28 8.57 -1.84
C TRP A 153 4.46 7.89 -1.20
N GLN A 154 4.57 6.58 -1.42
CA GLN A 154 5.70 5.82 -0.89
C GLN A 154 7.00 6.40 -1.42
N GLN A 155 7.00 6.80 -2.69
CA GLN A 155 8.16 7.38 -3.33
C GLN A 155 8.58 8.62 -2.59
N LYS A 156 7.61 9.35 -2.05
CA LYS A 156 7.88 10.58 -1.33
C LYS A 156 7.99 10.46 0.19
N GLN A 157 7.93 9.24 0.69
CA GLN A 157 8.03 9.00 2.13
C GLN A 157 7.01 9.77 2.97
N ILE A 158 5.78 9.78 2.49
CA ILE A 158 4.66 10.43 3.15
C ILE A 158 3.67 9.30 3.42
N PRO A 159 3.36 9.04 4.69
CA PRO A 159 2.43 7.97 5.06
C PRO A 159 1.11 8.15 4.31
N TRP A 160 0.57 7.06 3.78
CA TRP A 160 -0.68 7.08 3.04
C TRP A 160 -1.57 5.99 3.62
N PHE A 161 -2.89 6.22 3.62
CA PHE A 161 -3.82 5.25 4.17
C PHE A 161 -5.13 5.24 3.38
N ILE A 162 -5.86 4.13 3.49
CA ILE A 162 -7.15 4.01 2.81
C ILE A 162 -8.23 4.02 3.88
N PHE A 163 -9.18 4.94 3.78
CA PHE A 163 -10.28 4.99 4.75
C PHE A 163 -11.58 4.57 4.05
N THR A 164 -12.26 3.59 4.65
CA THR A 164 -13.50 3.06 4.12
C THR A 164 -14.62 3.23 5.13
N ASP A 165 -15.82 2.83 4.74
CA ASP A 165 -16.99 2.93 5.58
C ASP A 165 -16.88 2.22 6.95
N LYS A 166 -16.15 1.12 7.00
CA LYS A 166 -16.01 0.41 8.28
C LYS A 166 -15.02 1.07 9.24
N GLU A 167 -14.57 2.28 8.90
CA GLU A 167 -13.65 3.04 9.75
C GLU A 167 -14.48 4.17 10.37
N ILE A 168 -15.73 4.29 9.93
CA ILE A 168 -16.62 5.33 10.43
C ILE A 168 -17.20 4.99 11.79
N ASN A 169 -16.95 5.87 12.75
CA ASN A 169 -17.45 5.70 14.09
C ASN A 169 -18.98 5.76 13.99
N PRO A 170 -19.67 4.82 14.63
CA PRO A 170 -21.13 4.80 14.59
C PRO A 170 -21.82 6.13 14.99
N VAL A 171 -21.31 6.79 16.04
CA VAL A 171 -21.86 8.07 16.52
C VAL A 171 -21.68 9.13 15.42
N VAL A 172 -20.49 9.15 14.84
CA VAL A 172 -20.19 10.08 13.77
C VAL A 172 -21.16 9.81 12.64
N LYS A 173 -21.44 8.53 12.42
CA LYS A 173 -22.34 8.13 11.36
C LYS A 173 -23.75 8.70 11.59
N GLU A 174 -24.29 8.50 12.79
CA GLU A 174 -25.64 8.98 13.08
C GLU A 174 -25.71 10.51 13.09
N ASN A 175 -24.62 11.14 13.53
CA ASN A 175 -24.57 12.60 13.57
C ASN A 175 -24.69 13.11 12.15
N ILE A 176 -24.05 12.42 11.20
CA ILE A 176 -24.11 12.82 9.79
C ILE A 176 -25.52 12.61 9.24
N GLU A 177 -26.15 11.51 9.63
CA GLU A 177 -27.51 11.20 9.21
C GLU A 177 -28.51 12.25 9.70
N TRP A 178 -28.22 12.85 10.84
CA TRP A 178 -29.11 13.88 11.38
C TRP A 178 -28.82 15.21 10.67
N LEU A 179 -27.54 15.51 10.47
CA LEU A 179 -27.13 16.76 9.86
C LEU A 179 -27.29 16.88 8.36
N TYR A 180 -27.42 15.74 7.66
CA TYR A 180 -27.49 15.79 6.20
C TYR A 180 -28.70 15.22 5.46
N SER A 181 -29.86 15.24 6.08
CA SER A 181 -31.08 14.78 5.42
C SER A 181 -31.62 16.04 4.74
N VAL A 182 -30.69 16.82 4.18
CA VAL A 182 -30.93 18.11 3.51
C VAL A 182 -32.08 18.92 4.09
N LYS A 183 -31.77 19.77 5.06
CA LYS A 183 -32.77 20.62 5.71
C LYS A 183 -32.68 22.04 5.13
N THR A 184 -31.51 22.66 5.28
CA THR A 184 -31.28 24.00 4.76
C THR A 184 -29.86 24.09 4.20
N GLU A 185 -29.73 24.82 3.09
CA GLU A 185 -28.44 25.04 2.43
C GLU A 185 -28.34 26.53 2.11
N GLU A 186 -29.41 27.25 2.45
CA GLU A 186 -29.49 28.69 2.21
C GLU A 186 -28.60 29.42 3.19
N VAL A 187 -27.43 29.81 2.71
CA VAL A 187 -26.46 30.52 3.53
C VAL A 187 -26.77 32.03 3.40
N SER A 188 -27.95 32.43 3.85
CA SER A 188 -28.35 33.82 3.78
C SER A 188 -27.47 34.63 4.70
N ALA A 189 -27.25 35.90 4.37
CA ALA A 189 -26.45 36.78 5.21
C ALA A 189 -27.15 36.88 6.58
N GLU A 190 -28.45 36.62 6.56
CA GLU A 190 -29.29 36.65 7.74
C GLU A 190 -29.09 35.42 8.61
N LEU A 191 -28.77 34.29 7.98
CA LEU A 191 -28.53 33.05 8.70
C LEU A 191 -27.18 33.22 9.39
N LEU A 192 -26.20 33.70 8.65
CA LEU A 192 -24.87 33.94 9.20
C LEU A 192 -24.87 35.00 10.28
N ALA A 193 -25.80 35.95 10.17
CA ALA A 193 -25.91 37.01 11.16
C ALA A 193 -26.12 36.40 12.54
N GLN A 194 -26.79 35.26 12.58
CA GLN A 194 -27.06 34.57 13.84
C GLN A 194 -25.83 33.98 14.52
N LEU A 195 -24.71 33.93 13.82
CA LEU A 195 -23.50 33.36 14.39
C LEU A 195 -23.00 34.10 15.62
N SER A 196 -22.80 35.40 15.50
CA SER A 196 -22.30 36.19 16.63
C SER A 196 -23.21 36.12 17.86
N PRO A 197 -24.52 36.38 17.70
CA PRO A 197 -25.44 36.31 18.84
C PRO A 197 -25.37 34.94 19.48
N LEU A 198 -25.53 33.90 18.65
CA LEU A 198 -25.50 32.52 19.11
C LEU A 198 -24.22 32.17 19.84
N ALA A 199 -23.08 32.67 19.35
CA ALA A 199 -21.79 32.40 19.96
C ALA A 199 -21.78 32.88 21.42
N HIS A 200 -22.29 34.08 21.64
CA HIS A 200 -22.33 34.66 22.98
C HIS A 200 -23.16 33.82 23.93
N ILE A 201 -24.40 33.53 23.53
CA ILE A 201 -25.30 32.73 24.36
C ILE A 201 -24.63 31.40 24.75
N LEU A 202 -24.17 30.66 23.75
CA LEU A 202 -23.52 29.38 23.98
C LEU A 202 -22.29 29.48 24.87
N GLN A 203 -21.55 30.58 24.73
CA GLN A 203 -20.36 30.80 25.55
C GLN A 203 -20.73 30.93 27.03
N GLU A 204 -21.75 31.71 27.36
CA GLU A 204 -22.11 31.88 28.77
C GLU A 204 -22.85 30.67 29.35
N LYS A 205 -23.71 30.07 28.55
CA LYS A 205 -24.46 28.89 28.98
C LYS A 205 -23.60 27.64 28.73
N GLY A 206 -22.29 27.85 28.69
CA GLY A 206 -21.34 26.77 28.42
C GLY A 206 -21.60 25.34 28.86
N ASP A 207 -21.75 25.12 30.16
CA ASP A 207 -21.96 23.78 30.68
C ASP A 207 -23.36 23.19 30.46
N GLU A 208 -24.25 23.95 29.81
CA GLU A 208 -25.60 23.45 29.57
C GLU A 208 -25.76 22.62 28.31
N ASN A 209 -26.70 21.68 28.34
CA ASN A 209 -26.97 20.83 27.20
C ASN A 209 -27.47 21.71 26.05
N ILE A 210 -26.96 21.46 24.85
CA ILE A 210 -27.31 22.23 23.65
C ILE A 210 -28.79 22.30 23.33
N ILE A 211 -29.54 21.23 23.60
CA ILE A 211 -30.96 21.22 23.31
C ILE A 211 -31.77 22.09 24.28
N ASN A 212 -31.42 22.05 25.56
CA ASN A 212 -32.11 22.87 26.56
C ASN A 212 -31.94 24.33 26.19
N VAL A 213 -30.69 24.72 25.99
CA VAL A 213 -30.36 26.10 25.63
C VAL A 213 -31.14 26.52 24.39
N CYS A 214 -31.37 25.58 23.48
CA CYS A 214 -32.11 25.88 22.27
C CYS A 214 -33.56 26.20 22.54
N LYS A 215 -34.17 25.46 23.44
CA LYS A 215 -35.58 25.69 23.79
C LYS A 215 -35.69 27.02 24.50
N GLN A 216 -34.77 27.25 25.45
CA GLN A 216 -34.74 28.48 26.21
C GLN A 216 -34.71 29.70 25.30
N VAL A 217 -33.86 29.66 24.27
CA VAL A 217 -33.76 30.77 23.31
C VAL A 217 -35.06 30.93 22.53
N ASP A 218 -35.66 29.82 22.13
CA ASP A 218 -36.91 29.88 21.37
C ASP A 218 -37.93 30.67 22.18
N ILE A 219 -38.04 30.33 23.45
CA ILE A 219 -38.96 30.98 24.38
C ILE A 219 -38.62 32.45 24.52
N ALA A 220 -37.41 32.73 24.96
CA ALA A 220 -36.94 34.08 25.19
C ALA A 220 -37.29 35.05 24.09
N TYR A 221 -37.10 34.64 22.84
CA TYR A 221 -37.39 35.51 21.70
C TYR A 221 -38.72 35.23 21.02
N ASP A 222 -39.50 34.32 21.58
CA ASP A 222 -40.79 33.97 21.00
C ASP A 222 -40.67 33.53 19.55
N LEU A 223 -40.02 32.39 19.38
CA LEU A 223 -39.82 31.77 18.08
C LEU A 223 -40.58 30.46 18.25
N GLU A 224 -41.01 29.83 17.15
CA GLU A 224 -41.73 28.57 17.25
C GLU A 224 -40.75 27.50 17.72
N LEU A 225 -41.22 26.62 18.60
CA LEU A 225 -40.38 25.56 19.15
C LEU A 225 -39.57 24.81 18.10
N GLY A 226 -38.24 24.91 18.20
CA GLY A 226 -37.36 24.25 17.27
C GLY A 226 -36.63 25.16 16.32
N LYS A 227 -37.01 26.43 16.29
CA LYS A 227 -36.39 27.40 15.39
C LYS A 227 -34.87 27.49 15.51
N THR A 228 -34.39 27.70 16.73
CA THR A 228 -32.96 27.82 16.97
C THR A 228 -32.21 26.53 16.66
N LEU A 229 -32.79 25.39 17.01
CA LEU A 229 -32.16 24.10 16.74
C LEU A 229 -32.00 23.96 15.24
N SER A 230 -32.99 24.41 14.49
CA SER A 230 -32.96 24.34 13.02
C SER A 230 -31.87 25.24 12.47
N GLU A 231 -31.70 26.40 13.09
CA GLU A 231 -30.67 27.32 12.64
C GLU A 231 -29.30 26.71 12.88
N ILE A 232 -29.05 26.27 14.09
CA ILE A 232 -27.78 25.66 14.44
C ILE A 232 -27.51 24.42 13.59
N ARG A 233 -28.56 23.65 13.32
CA ARG A 233 -28.42 22.44 12.52
C ARG A 233 -27.88 22.84 11.14
N ALA A 234 -28.37 23.96 10.60
CA ALA A 234 -27.95 24.45 9.29
C ALA A 234 -26.53 24.99 9.30
N LEU A 235 -26.21 25.81 10.30
CA LEU A 235 -24.87 26.37 10.39
C LEU A 235 -23.85 25.29 10.68
N THR A 236 -24.27 24.24 11.36
CA THR A 236 -23.36 23.14 11.66
C THR A 236 -23.12 22.33 10.37
N ALA A 237 -24.20 21.93 9.71
CA ALA A 237 -24.09 21.16 8.49
C ALA A 237 -23.26 21.88 7.44
N ASN A 238 -23.17 23.19 7.54
CA ASN A 238 -22.38 23.95 6.58
C ASN A 238 -20.97 24.22 7.05
N GLY A 239 -20.68 23.89 8.30
CA GLY A 239 -19.34 24.06 8.84
C GLY A 239 -19.00 25.32 9.60
N PHE A 240 -19.99 26.19 9.78
CA PHE A 240 -19.78 27.44 10.50
C PHE A 240 -19.73 27.16 12.01
N ILE A 241 -20.33 26.04 12.40
CA ILE A 241 -20.36 25.58 13.79
C ILE A 241 -19.73 24.18 13.81
N LYS A 242 -18.77 23.94 14.71
CA LYS A 242 -18.12 22.63 14.85
C LYS A 242 -18.49 22.09 16.22
N PHE A 243 -18.69 20.78 16.34
CA PHE A 243 -19.02 20.19 17.63
C PHE A 243 -18.27 18.87 17.84
N ASN A 244 -18.50 18.22 18.98
CA ASN A 244 -17.85 16.96 19.25
C ASN A 244 -18.59 15.87 18.49
N ILE A 245 -18.15 15.60 17.27
CA ILE A 245 -18.75 14.59 16.40
C ILE A 245 -18.77 13.17 16.98
N TYR A 246 -17.90 12.89 17.95
CA TYR A 246 -17.85 11.56 18.54
C TYR A 246 -18.88 11.39 19.65
N LYS A 247 -19.70 12.40 19.84
CA LYS A 247 -20.75 12.38 20.84
C LYS A 247 -21.96 12.82 20.05
N SER A 248 -23.13 12.26 20.36
CA SER A 248 -24.33 12.66 19.66
C SER A 248 -24.47 14.15 19.84
N PHE A 249 -24.99 14.81 18.81
CA PHE A 249 -25.17 16.25 18.86
C PHE A 249 -26.05 16.62 20.04
N ARG A 250 -27.11 15.84 20.22
CA ARG A 250 -28.04 16.07 21.30
C ARG A 250 -27.45 15.94 22.68
N ALA A 251 -26.33 15.23 22.80
CA ALA A 251 -25.67 15.03 24.08
C ALA A 251 -24.55 16.02 24.27
N ASN A 252 -24.37 16.89 23.29
CA ASN A 252 -23.32 17.91 23.34
C ASN A 252 -23.70 19.04 24.30
N LYS A 253 -22.70 19.55 25.00
CA LYS A 253 -22.89 20.68 25.89
C LYS A 253 -22.61 21.88 25.00
N CYS A 254 -23.01 23.06 25.43
CA CYS A 254 -22.76 24.26 24.62
C CYS A 254 -21.29 24.52 24.41
N ALA A 255 -20.48 24.17 25.41
CA ALA A 255 -19.04 24.36 25.33
C ALA A 255 -18.40 23.44 24.29
N ASP A 256 -19.14 22.43 23.85
CA ASP A 256 -18.65 21.50 22.86
C ASP A 256 -18.74 22.12 21.49
N LEU A 257 -19.59 23.13 21.32
CA LEU A 257 -19.72 23.78 20.04
C LEU A 257 -18.69 24.92 19.92
N CYS A 258 -18.26 25.18 18.70
CA CYS A 258 -17.28 26.21 18.40
C CYS A 258 -17.84 27.00 17.21
N ILE A 259 -18.07 28.31 17.40
CA ILE A 259 -18.63 29.14 16.34
C ILE A 259 -17.55 30.01 15.70
N SER A 260 -17.72 30.34 14.42
CA SER A 260 -16.76 31.18 13.70
C SER A 260 -17.18 32.64 13.45
N GLN A 261 -16.25 33.39 12.86
CA GLN A 261 -16.43 34.82 12.53
C GLN A 261 -16.70 35.05 11.02
N VAL A 262 -17.01 33.97 10.30
CA VAL A 262 -17.27 34.04 8.87
C VAL A 262 -18.36 35.03 8.45
N VAL A 263 -18.04 35.84 7.45
CA VAL A 263 -18.97 36.83 6.88
C VAL A 263 -19.05 36.46 5.39
N ASN A 264 -20.07 36.92 4.68
CA ASN A 264 -20.23 36.58 3.26
C ASN A 264 -19.03 36.74 2.32
N MET A 265 -17.89 37.17 2.87
CA MET A 265 -16.68 37.30 2.07
C MET A 265 -16.07 35.92 1.81
N GLU A 266 -16.87 35.05 1.21
CA GLU A 266 -16.46 33.69 0.89
C GLU A 266 -16.63 33.49 -0.61
N GLU A 267 -15.73 34.14 -1.35
CA GLU A 267 -15.76 34.09 -2.80
C GLU A 267 -14.42 33.57 -3.33
N PHE B 8 -0.04 -22.62 13.05
CA PHE B 8 1.30 -23.06 12.67
C PHE B 8 2.23 -23.19 13.88
N SER B 9 2.45 -22.09 14.60
CA SER B 9 3.34 -22.09 15.76
C SER B 9 2.71 -21.64 17.09
N GLU B 10 2.98 -22.39 18.16
CA GLU B 10 2.44 -22.10 19.49
C GLU B 10 3.35 -21.12 20.23
N VAL B 11 3.03 -20.81 21.48
CA VAL B 11 3.83 -19.87 22.30
C VAL B 11 5.32 -20.21 22.28
N GLN B 12 5.64 -21.44 21.86
CA GLN B 12 7.02 -21.91 21.74
C GLN B 12 7.85 -21.02 20.82
N ILE B 13 7.18 -20.15 20.05
CA ILE B 13 7.81 -19.19 19.13
C ILE B 13 9.07 -18.58 19.73
N ALA B 14 9.05 -18.41 21.05
CA ALA B 14 10.16 -17.85 21.82
C ALA B 14 11.48 -18.57 21.54
N ARG B 15 11.43 -19.90 21.39
CA ARG B 15 12.65 -20.68 21.12
C ARG B 15 13.12 -20.46 19.69
N ARG B 16 12.19 -20.36 18.74
CA ARG B 16 12.54 -20.14 17.35
C ARG B 16 13.30 -18.81 17.28
N ILE B 17 12.86 -17.84 18.08
CA ILE B 17 13.48 -16.52 18.16
C ILE B 17 14.93 -16.67 18.64
N LYS B 18 15.16 -17.64 19.50
CA LYS B 18 16.49 -17.93 20.06
C LYS B 18 17.37 -18.68 19.05
N GLU B 19 16.75 -19.49 18.18
CA GLU B 19 17.50 -20.22 17.16
C GLU B 19 18.19 -19.27 16.20
N GLY B 20 17.86 -17.98 16.30
CA GLY B 20 18.42 -16.96 15.44
C GLY B 20 17.60 -16.69 14.19
N ARG B 21 16.45 -17.35 14.08
CA ARG B 21 15.55 -17.20 12.94
C ARG B 21 15.25 -15.74 12.65
N GLY B 22 15.70 -15.27 11.49
CA GLY B 22 15.45 -13.89 11.10
C GLY B 22 16.60 -12.93 11.38
N GLN B 23 17.68 -13.44 11.94
CA GLN B 23 18.83 -12.60 12.23
C GLN B 23 20.04 -12.92 11.34
N GLY B 24 20.99 -11.99 11.33
CA GLY B 24 22.18 -12.16 10.50
C GLY B 24 21.84 -11.90 9.06
N HIS B 25 22.80 -12.15 8.17
CA HIS B 25 22.59 -11.95 6.74
C HIS B 25 23.62 -12.70 5.90
N GLY B 26 23.48 -12.65 4.58
CA GLY B 26 24.39 -13.37 3.72
C GLY B 26 24.18 -14.84 4.05
N LYS B 27 25.27 -15.60 4.16
CA LYS B 27 25.20 -17.02 4.48
C LYS B 27 24.75 -17.30 5.91
N ASP B 28 24.87 -16.28 6.77
CA ASP B 28 24.51 -16.43 8.18
C ASP B 28 23.03 -16.19 8.49
N TYR B 29 22.29 -15.66 7.52
CA TYR B 29 20.86 -15.40 7.72
C TYR B 29 20.05 -16.69 7.75
N ILE B 30 19.16 -16.79 8.73
CA ILE B 30 18.28 -17.96 8.85
C ILE B 30 16.84 -17.46 8.58
N PRO B 31 16.13 -18.08 7.62
CA PRO B 31 14.77 -17.66 7.32
C PRO B 31 13.86 -17.91 8.52
N TRP B 32 12.76 -17.16 8.64
CA TRP B 32 11.82 -17.37 9.74
C TRP B 32 11.00 -18.62 9.43
N LEU B 33 10.69 -18.80 8.15
CA LEU B 33 9.95 -19.96 7.70
C LEU B 33 10.89 -20.74 6.79
N THR B 34 10.85 -22.07 6.89
CA THR B 34 11.69 -22.91 6.08
C THR B 34 10.75 -23.75 5.21
N VAL B 35 11.33 -24.56 4.32
CA VAL B 35 10.58 -25.43 3.40
C VAL B 35 9.65 -26.44 4.10
N GLN B 36 9.98 -26.79 5.34
CA GLN B 36 9.15 -27.73 6.11
C GLN B 36 7.78 -27.12 6.44
N GLU B 37 7.72 -25.79 6.45
CA GLU B 37 6.49 -25.03 6.72
C GLU B 37 5.71 -24.72 5.44
N VAL B 38 5.78 -25.61 4.47
CA VAL B 38 5.07 -25.41 3.22
C VAL B 38 3.63 -25.94 3.30
N PRO B 39 2.65 -25.08 2.99
CA PRO B 39 1.23 -25.47 3.05
C PRO B 39 0.64 -25.87 1.68
N SER B 40 -0.45 -26.63 1.73
CA SER B 40 -1.19 -27.12 0.55
C SER B 40 -0.32 -27.83 -0.50
N SER B 41 -0.79 -27.85 -1.74
CA SER B 41 -0.05 -28.46 -2.85
C SER B 41 1.14 -27.56 -3.18
N GLY B 42 1.07 -26.31 -2.70
CA GLY B 42 2.11 -25.31 -2.93
C GLY B 42 3.49 -25.90 -2.78
N ARG B 43 4.21 -25.98 -3.90
CA ARG B 43 5.55 -26.55 -3.89
C ARG B 43 6.57 -25.57 -3.33
N SER B 44 7.49 -26.08 -2.52
CA SER B 44 8.54 -25.30 -1.91
C SER B 44 9.84 -25.58 -2.67
N HIS B 45 10.82 -24.68 -2.54
CA HIS B 45 12.09 -24.82 -3.23
C HIS B 45 13.29 -24.42 -2.38
N ARG B 46 14.38 -25.16 -2.50
CA ARG B 46 15.60 -24.82 -1.78
C ARG B 46 16.62 -24.60 -2.90
N ILE B 47 16.90 -23.32 -3.19
CA ILE B 47 17.79 -22.91 -4.26
C ILE B 47 19.04 -22.21 -3.72
N TYR B 48 20.20 -22.52 -4.29
CA TYR B 48 21.46 -21.92 -3.88
C TYR B 48 21.61 -20.50 -4.47
N SER B 49 22.32 -19.63 -3.76
CA SER B 49 22.52 -18.26 -4.21
C SER B 49 23.99 -17.93 -4.25
N HIS B 50 24.43 -17.39 -5.39
CA HIS B 50 25.82 -16.99 -5.53
C HIS B 50 26.08 -15.79 -4.63
N LYS B 51 25.13 -14.87 -4.61
CA LYS B 51 25.25 -13.65 -3.81
C LYS B 51 25.40 -13.89 -2.30
N THR B 52 24.56 -14.76 -1.75
CA THR B 52 24.60 -15.03 -0.32
C THR B 52 25.48 -16.22 0.04
N GLY B 53 25.69 -17.11 -0.93
CA GLY B 53 26.49 -18.28 -0.68
C GLY B 53 25.73 -19.31 0.13
N ARG B 54 24.41 -19.18 0.23
CA ARG B 54 23.61 -20.14 0.99
C ARG B 54 22.40 -20.62 0.20
N VAL B 55 21.69 -21.60 0.75
CA VAL B 55 20.48 -22.15 0.12
C VAL B 55 19.25 -21.43 0.72
N HIS B 56 18.38 -20.91 -0.15
CA HIS B 56 17.18 -20.17 0.28
C HIS B 56 15.88 -20.99 0.29
N HIS B 57 14.95 -20.63 1.18
CA HIS B 57 13.69 -21.36 1.28
C HIS B 57 12.55 -20.57 0.67
N LEU B 58 12.01 -21.08 -0.43
CA LEU B 58 10.91 -20.45 -1.15
C LEU B 58 9.69 -21.34 -0.95
N LEU B 59 8.55 -20.73 -0.67
CA LEU B 59 7.35 -21.52 -0.40
C LEU B 59 6.33 -21.68 -1.51
N SER B 60 6.63 -21.17 -2.70
CA SER B 60 5.73 -21.34 -3.83
C SER B 60 6.48 -21.12 -5.11
N ASP B 61 5.90 -21.52 -6.24
CA ASP B 61 6.55 -21.36 -7.53
C ASP B 61 6.65 -19.86 -7.82
N LEU B 62 5.67 -19.11 -7.33
CA LEU B 62 5.61 -17.67 -7.50
C LEU B 62 6.79 -16.99 -6.80
N GLU B 63 7.08 -17.41 -5.58
CA GLU B 63 8.19 -16.86 -4.82
C GLU B 63 9.51 -17.25 -5.49
N LEU B 64 9.55 -18.47 -6.05
CA LEU B 64 10.74 -18.98 -6.74
C LEU B 64 11.03 -18.02 -7.90
N ALA B 65 9.99 -17.70 -8.66
CA ALA B 65 10.11 -16.81 -9.79
C ALA B 65 10.67 -15.45 -9.35
N VAL B 66 10.22 -14.96 -8.20
CA VAL B 66 10.70 -13.67 -7.72
C VAL B 66 12.15 -13.80 -7.29
N PHE B 67 12.47 -14.93 -6.68
CA PHE B 67 13.82 -15.18 -6.20
C PHE B 67 14.81 -15.17 -7.37
N LEU B 68 14.46 -15.87 -8.44
CA LEU B 68 15.32 -15.92 -9.61
C LEU B 68 15.58 -14.53 -10.15
N SER B 69 14.55 -13.68 -10.18
CA SER B 69 14.70 -12.31 -10.67
C SER B 69 15.64 -11.53 -9.76
N LEU B 70 15.53 -11.76 -8.45
CA LEU B 70 16.40 -11.09 -7.50
C LEU B 70 17.85 -11.53 -7.66
N GLU B 71 18.08 -12.83 -7.74
CA GLU B 71 19.42 -13.39 -7.92
C GLU B 71 20.08 -12.89 -9.22
N TRP B 72 19.26 -12.69 -10.27
CA TRP B 72 19.75 -12.20 -11.56
C TRP B 72 20.23 -10.75 -11.49
N GLU B 73 19.51 -9.91 -10.76
CA GLU B 73 19.85 -8.51 -10.63
C GLU B 73 21.26 -8.24 -10.09
N SER B 74 22.03 -7.45 -10.87
CA SER B 74 23.39 -7.07 -10.47
C SER B 74 23.38 -6.16 -9.25
N SER B 75 22.35 -5.30 -9.17
CA SER B 75 22.20 -4.34 -8.08
C SER B 75 21.83 -4.93 -6.71
N VAL B 76 21.30 -6.15 -6.68
CA VAL B 76 20.92 -6.79 -5.43
C VAL B 76 22.15 -7.34 -4.73
N LEU B 77 22.28 -7.09 -3.43
CA LEU B 77 23.42 -7.58 -2.69
C LEU B 77 23.04 -8.71 -1.77
N ASP B 78 21.88 -8.62 -1.16
CA ASP B 78 21.45 -9.67 -0.24
C ASP B 78 19.96 -9.92 -0.41
N ILE B 79 19.55 -11.13 -0.09
CA ILE B 79 18.16 -11.53 -0.19
C ILE B 79 17.84 -12.34 1.05
N ARG B 80 17.05 -11.75 1.94
CA ARG B 80 16.66 -12.40 3.15
C ARG B 80 15.17 -12.69 3.04
N GLU B 81 14.88 -13.92 2.68
CA GLU B 81 13.51 -14.40 2.49
C GLU B 81 12.80 -14.75 3.82
N GLN B 82 11.47 -14.74 3.79
CA GLN B 82 10.65 -15.04 4.96
C GLN B 82 11.13 -14.22 6.15
N PHE B 83 11.25 -12.91 5.94
CA PHE B 83 11.72 -12.02 6.99
C PHE B 83 10.62 -11.70 8.01
N PRO B 84 10.90 -11.96 9.30
CA PRO B 84 9.97 -11.72 10.42
C PRO B 84 9.74 -10.24 10.78
N LEU B 85 8.49 -9.87 11.01
CA LEU B 85 8.13 -8.50 11.37
C LEU B 85 7.98 -8.47 12.90
N LEU B 86 8.68 -7.56 13.56
CA LEU B 86 8.64 -7.43 15.02
C LEU B 86 7.21 -7.42 15.58
N PRO B 87 6.89 -8.41 16.43
CA PRO B 87 5.58 -8.61 17.08
C PRO B 87 4.98 -7.37 17.77
N SER B 88 5.80 -6.63 18.53
CA SER B 88 5.31 -5.45 19.21
C SER B 88 4.77 -4.43 18.20
N ASP B 89 5.51 -4.22 17.12
CA ASP B 89 5.13 -3.27 16.08
C ASP B 89 3.82 -3.69 15.40
N THR B 90 3.73 -4.96 15.02
CA THR B 90 2.54 -5.47 14.37
C THR B 90 1.29 -5.47 15.26
N ARG B 91 1.45 -5.68 16.56
CA ARG B 91 0.32 -5.67 17.50
C ARG B 91 -0.20 -4.25 17.59
N GLN B 92 0.73 -3.30 17.69
CA GLN B 92 0.40 -1.89 17.75
C GLN B 92 -0.34 -1.47 16.48
N ILE B 93 0.15 -1.90 15.33
CA ILE B 93 -0.48 -1.58 14.05
C ILE B 93 -1.88 -2.20 13.96
N ALA B 94 -2.02 -3.41 14.47
CA ALA B 94 -3.32 -4.08 14.44
C ALA B 94 -4.33 -3.27 15.27
N ILE B 95 -3.86 -2.81 16.43
CA ILE B 95 -4.67 -2.01 17.32
C ILE B 95 -5.08 -0.71 16.63
N ASP B 96 -4.09 0.07 16.21
CA ASP B 96 -4.33 1.34 15.55
C ASP B 96 -5.20 1.29 14.27
N SER B 97 -5.34 0.10 13.70
CA SER B 97 -6.13 -0.05 12.47
C SER B 97 -7.46 -0.75 12.71
N GLY B 98 -7.56 -1.46 13.83
CA GLY B 98 -8.78 -2.18 14.13
C GLY B 98 -8.85 -3.50 13.38
N ILE B 99 -7.69 -4.00 13.00
CA ILE B 99 -7.59 -5.27 12.28
C ILE B 99 -7.13 -6.35 13.26
N LYS B 100 -7.80 -7.50 13.20
CA LYS B 100 -7.44 -8.60 14.09
C LYS B 100 -6.06 -9.11 13.70
N HIS B 101 -5.09 -8.92 14.60
CA HIS B 101 -3.73 -9.40 14.35
C HIS B 101 -3.79 -10.91 14.17
N PRO B 102 -3.05 -11.47 13.18
CA PRO B 102 -3.05 -12.91 12.93
C PRO B 102 -2.93 -13.73 14.21
N VAL B 103 -3.86 -14.65 14.40
CA VAL B 103 -3.88 -15.47 15.60
C VAL B 103 -4.19 -16.89 15.19
N ILE B 104 -3.67 -17.83 15.96
CA ILE B 104 -3.94 -19.25 15.75
C ILE B 104 -4.08 -19.87 17.14
N ARG B 105 -5.31 -20.23 17.50
CA ARG B 105 -5.59 -20.81 18.80
C ARG B 105 -5.24 -19.82 19.92
N GLY B 106 -5.70 -18.59 19.78
CA GLY B 106 -5.43 -17.57 20.78
C GLY B 106 -4.01 -17.03 20.82
N VAL B 107 -3.07 -17.73 20.18
CA VAL B 107 -1.68 -17.28 20.14
C VAL B 107 -1.47 -16.38 18.93
N ASP B 108 -1.07 -15.14 19.17
CA ASP B 108 -0.84 -14.22 18.08
C ASP B 108 0.39 -14.72 17.33
N GLN B 109 0.30 -14.75 16.01
CA GLN B 109 1.38 -15.24 15.16
C GLN B 109 2.35 -14.14 14.74
N VAL B 110 3.59 -14.53 14.46
CA VAL B 110 4.60 -13.60 14.00
C VAL B 110 4.47 -13.51 12.49
N MET B 111 4.30 -12.29 11.98
CA MET B 111 4.16 -12.07 10.54
C MET B 111 5.52 -12.02 9.83
N SER B 112 5.52 -12.25 8.52
CA SER B 112 6.75 -12.24 7.76
C SER B 112 6.53 -11.77 6.32
N THR B 113 7.52 -11.03 5.84
CA THR B 113 7.52 -10.50 4.49
C THR B 113 8.31 -11.49 3.66
N ASP B 114 7.80 -11.83 2.49
CA ASP B 114 8.43 -12.80 1.61
C ASP B 114 9.90 -12.54 1.28
N PHE B 115 10.26 -11.28 1.03
CA PHE B 115 11.66 -10.95 0.73
C PHE B 115 12.06 -9.56 1.24
N LEU B 116 13.23 -9.49 1.89
CA LEU B 116 13.78 -8.21 2.35
C LEU B 116 15.10 -8.20 1.59
N VAL B 117 15.25 -7.26 0.66
CA VAL B 117 16.47 -7.20 -0.15
C VAL B 117 17.26 -5.89 -0.05
N ASP B 118 18.59 -6.03 -0.06
CA ASP B 118 19.52 -4.89 0.03
C ASP B 118 20.12 -4.64 -1.35
N CYS B 119 20.40 -3.38 -1.68
CA CYS B 119 20.96 -3.01 -2.98
C CYS B 119 22.20 -2.16 -2.89
N LYS B 120 23.03 -2.21 -3.94
CA LYS B 120 24.28 -1.44 -3.98
C LYS B 120 24.23 -0.09 -4.67
N ASP B 121 23.28 0.10 -5.58
CA ASP B 121 23.20 1.39 -6.28
C ASP B 121 21.87 1.70 -6.94
N GLY B 122 20.81 1.02 -6.50
CA GLY B 122 19.48 1.27 -7.04
C GLY B 122 18.91 2.54 -6.40
N PRO B 123 17.68 2.95 -6.73
CA PRO B 123 17.04 4.15 -6.17
C PRO B 123 16.96 4.18 -4.63
N PHE B 124 16.80 2.99 -4.05
CA PHE B 124 16.71 2.81 -2.59
C PHE B 124 17.59 1.66 -2.14
N GLU B 125 18.37 1.91 -1.11
CA GLU B 125 19.30 0.93 -0.56
C GLU B 125 18.66 -0.34 0.03
N GLN B 126 17.38 -0.30 0.33
CA GLN B 126 16.71 -1.47 0.91
C GLN B 126 15.23 -1.45 0.56
N PHE B 127 14.66 -2.61 0.24
CA PHE B 127 13.23 -2.71 -0.08
C PHE B 127 12.67 -4.09 0.23
N ALA B 128 11.34 -4.18 0.41
CA ALA B 128 10.70 -5.45 0.74
C ALA B 128 9.66 -5.84 -0.31
N ILE B 129 9.38 -7.14 -0.40
CA ILE B 129 8.44 -7.70 -1.36
C ILE B 129 7.53 -8.76 -0.75
N GLN B 130 6.24 -8.66 -1.04
CA GLN B 130 5.29 -9.66 -0.57
C GLN B 130 4.80 -10.26 -1.86
N VAL B 131 4.98 -11.57 -2.00
CA VAL B 131 4.56 -12.31 -3.17
C VAL B 131 3.19 -12.93 -2.85
N LYS B 132 2.24 -12.76 -3.78
CA LYS B 132 0.89 -13.28 -3.67
C LYS B 132 0.19 -13.39 -5.03
N PRO B 133 -0.54 -14.50 -5.28
CA PRO B 133 -1.25 -14.69 -6.54
C PRO B 133 -2.30 -13.58 -6.62
N ALA B 134 -2.51 -13.04 -7.82
CA ALA B 134 -3.50 -11.96 -7.99
C ALA B 134 -4.87 -12.28 -7.36
N ALA B 135 -5.32 -13.51 -7.53
CA ALA B 135 -6.60 -13.96 -6.99
C ALA B 135 -6.73 -13.79 -5.48
N ALA B 136 -5.64 -13.98 -4.76
CA ALA B 136 -5.67 -13.88 -3.31
C ALA B 136 -6.06 -12.48 -2.82
N LEU B 137 -5.95 -11.49 -3.69
CA LEU B 137 -6.30 -10.13 -3.32
C LEU B 137 -7.81 -9.88 -3.29
N GLN B 138 -8.58 -10.88 -3.72
CA GLN B 138 -10.04 -10.78 -3.73
C GLN B 138 -10.61 -11.25 -2.40
N ASP B 139 -9.73 -11.54 -1.44
CA ASP B 139 -10.12 -12.03 -0.13
C ASP B 139 -9.89 -10.92 0.90
N GLU B 140 -10.96 -10.57 1.62
CA GLU B 140 -10.90 -9.51 2.63
C GLU B 140 -9.84 -9.71 3.69
N ARG B 141 -9.75 -10.92 4.21
CA ARG B 141 -8.76 -11.17 5.26
C ARG B 141 -7.32 -11.00 4.74
N THR B 142 -7.07 -11.41 3.50
CA THR B 142 -5.73 -11.30 2.95
C THR B 142 -5.37 -9.81 2.89
N LEU B 143 -6.29 -9.01 2.38
CA LEU B 143 -6.10 -7.57 2.26
C LEU B 143 -5.79 -6.96 3.64
N GLU B 144 -6.44 -7.47 4.67
CA GLU B 144 -6.22 -6.98 6.03
C GLU B 144 -4.78 -7.24 6.45
N LYS B 145 -4.35 -8.49 6.27
CA LYS B 145 -2.99 -8.89 6.63
C LYS B 145 -1.98 -8.07 5.82
N LEU B 146 -2.29 -7.86 4.54
CA LEU B 146 -1.44 -7.06 3.67
C LEU B 146 -1.35 -5.62 4.16
N GLU B 147 -2.46 -5.10 4.69
CA GLU B 147 -2.47 -3.74 5.20
C GLU B 147 -1.59 -3.64 6.44
N LEU B 148 -1.61 -4.68 7.26
CA LEU B 148 -0.75 -4.69 8.44
C LEU B 148 0.70 -4.68 7.98
N GLU B 149 0.98 -5.50 6.97
CA GLU B 149 2.33 -5.60 6.42
C GLU B 149 2.77 -4.29 5.77
N ARG B 150 1.88 -3.70 4.97
CA ARG B 150 2.19 -2.43 4.29
C ARG B 150 2.54 -1.33 5.27
N ARG B 151 1.75 -1.23 6.33
CA ARG B 151 1.97 -0.22 7.35
C ARG B 151 3.29 -0.41 8.07
N TYR B 152 3.62 -1.65 8.38
CA TYR B 152 4.85 -1.95 9.09
C TYR B 152 6.05 -1.34 8.35
N TRP B 153 6.16 -1.64 7.06
CA TRP B 153 7.26 -1.11 6.26
C TRP B 153 7.16 0.40 6.10
N GLN B 154 5.93 0.89 5.95
CA GLN B 154 5.72 2.32 5.81
C GLN B 154 6.27 3.05 7.03
N GLN B 155 6.08 2.46 8.21
CA GLN B 155 6.57 3.06 9.45
C GLN B 155 8.08 3.22 9.42
N LYS B 156 8.76 2.23 8.84
CA LYS B 156 10.20 2.28 8.77
C LYS B 156 10.76 2.95 7.54
N GLN B 157 9.88 3.49 6.70
CA GLN B 157 10.26 4.19 5.47
C GLN B 157 11.10 3.34 4.51
N ILE B 158 10.67 2.09 4.34
CA ILE B 158 11.33 1.14 3.45
C ILE B 158 10.31 0.79 2.38
N PRO B 159 10.60 1.11 1.12
CA PRO B 159 9.68 0.80 0.03
C PRO B 159 9.22 -0.66 0.09
N TRP B 160 7.93 -0.90 -0.09
CA TRP B 160 7.38 -2.25 -0.05
C TRP B 160 6.53 -2.41 -1.33
N PHE B 161 6.45 -3.63 -1.86
CA PHE B 161 5.68 -3.88 -3.08
C PHE B 161 5.06 -5.27 -3.02
N ILE B 162 4.02 -5.47 -3.82
CA ILE B 162 3.36 -6.76 -3.91
C ILE B 162 3.65 -7.31 -5.31
N PHE B 163 4.17 -8.52 -5.38
CA PHE B 163 4.44 -9.12 -6.67
C PHE B 163 3.51 -10.32 -6.82
N THR B 164 2.81 -10.36 -7.94
CA THR B 164 1.86 -11.41 -8.22
C THR B 164 2.26 -12.08 -9.52
N ASP B 165 1.48 -13.09 -9.91
CA ASP B 165 1.71 -13.83 -11.13
C ASP B 165 1.73 -13.01 -12.42
N LYS B 166 0.97 -11.92 -12.46
CA LYS B 166 0.95 -11.08 -13.67
C LYS B 166 2.15 -10.14 -13.79
N GLU B 167 3.14 -10.31 -12.91
CA GLU B 167 4.39 -9.55 -12.93
C GLU B 167 5.49 -10.45 -13.49
N ILE B 168 5.18 -11.73 -13.68
CA ILE B 168 6.14 -12.70 -14.20
C ILE B 168 6.29 -12.58 -15.71
N ASN B 169 7.52 -12.37 -16.14
CA ASN B 169 7.87 -12.26 -17.54
C ASN B 169 7.58 -13.63 -18.18
N PRO B 170 6.99 -13.64 -19.38
CA PRO B 170 6.66 -14.87 -20.11
C PRO B 170 7.84 -15.85 -20.24
N VAL B 171 8.98 -15.32 -20.65
CA VAL B 171 10.20 -16.11 -20.84
C VAL B 171 10.69 -16.71 -19.51
N VAL B 172 10.63 -15.91 -18.46
CA VAL B 172 11.04 -16.37 -17.14
C VAL B 172 10.08 -17.51 -16.80
N LYS B 173 8.79 -17.31 -17.11
CA LYS B 173 7.78 -18.33 -16.84
C LYS B 173 8.12 -19.65 -17.54
N GLU B 174 8.37 -19.60 -18.85
CA GLU B 174 8.70 -20.81 -19.60
C GLU B 174 10.03 -21.45 -19.15
N ASN B 175 11.00 -20.62 -18.77
CA ASN B 175 12.28 -21.14 -18.29
C ASN B 175 12.03 -21.96 -17.02
N ILE B 176 11.14 -21.48 -16.16
CA ILE B 176 10.79 -22.16 -14.91
C ILE B 176 10.09 -23.48 -15.17
N GLU B 177 9.20 -23.50 -16.16
CA GLU B 177 8.47 -24.72 -16.50
C GLU B 177 9.42 -25.80 -16.99
N TRP B 178 10.45 -25.41 -17.73
CA TRP B 178 11.45 -26.36 -18.21
C TRP B 178 12.34 -26.85 -17.08
N LEU B 179 12.87 -25.92 -16.29
CA LEU B 179 13.76 -26.24 -15.19
C LEU B 179 13.13 -26.93 -14.01
N TYR B 180 11.82 -26.80 -13.87
CA TYR B 180 11.17 -27.39 -12.70
C TYR B 180 10.09 -28.43 -12.89
N SER B 181 10.24 -29.32 -13.88
CA SER B 181 9.28 -30.41 -14.05
C SER B 181 9.92 -31.62 -13.33
N VAL B 182 10.53 -31.31 -12.18
CA VAL B 182 11.25 -32.24 -11.30
C VAL B 182 12.01 -33.34 -12.04
N LYS B 183 13.25 -33.03 -12.42
CA LYS B 183 14.13 -33.93 -13.15
C LYS B 183 15.12 -34.62 -12.20
N THR B 184 15.94 -33.83 -11.52
CA THR B 184 16.91 -34.38 -10.58
C THR B 184 17.05 -33.39 -9.42
N GLU B 185 17.18 -33.94 -8.21
CA GLU B 185 17.34 -33.14 -6.98
C GLU B 185 18.49 -33.74 -6.17
N GLU B 186 19.09 -34.78 -6.73
CA GLU B 186 20.21 -35.47 -6.11
C GLU B 186 21.46 -34.64 -6.31
N VAL B 187 21.82 -33.89 -5.27
CA VAL B 187 22.99 -33.06 -5.34
C VAL B 187 24.17 -33.92 -4.87
N SER B 188 24.50 -34.93 -5.66
CA SER B 188 25.61 -35.81 -5.31
C SER B 188 26.89 -35.02 -5.44
N ALA B 189 27.89 -35.38 -4.64
CA ALA B 189 29.19 -34.73 -4.66
C ALA B 189 29.73 -34.80 -6.09
N GLU B 190 29.36 -35.86 -6.81
CA GLU B 190 29.79 -36.05 -8.19
C GLU B 190 29.05 -35.14 -9.17
N LEU B 191 27.78 -34.88 -8.89
CA LEU B 191 27.03 -33.97 -9.75
C LEU B 191 27.72 -32.63 -9.62
N LEU B 192 28.04 -32.25 -8.39
CA LEU B 192 28.72 -31.00 -8.11
C LEU B 192 30.15 -31.00 -8.63
N ALA B 193 30.74 -32.18 -8.74
CA ALA B 193 32.10 -32.31 -9.24
C ALA B 193 32.15 -31.78 -10.66
N GLN B 194 31.06 -31.95 -11.38
CA GLN B 194 30.95 -31.49 -12.76
C GLN B 194 30.98 -29.97 -12.90
N LEU B 195 30.87 -29.25 -11.80
CA LEU B 195 30.88 -27.80 -11.83
C LEU B 195 32.17 -27.20 -12.38
N SER B 196 33.31 -27.60 -11.81
CA SER B 196 34.59 -27.08 -12.27
C SER B 196 34.89 -27.42 -13.75
N PRO B 197 34.74 -28.69 -14.15
CA PRO B 197 34.99 -29.08 -15.55
C PRO B 197 34.15 -28.23 -16.48
N LEU B 198 32.84 -28.31 -16.26
CA LEU B 198 31.87 -27.57 -17.05
C LEU B 198 32.17 -26.08 -17.14
N ALA B 199 32.58 -25.48 -16.03
CA ALA B 199 32.89 -24.06 -16.00
C ALA B 199 33.99 -23.71 -17.01
N HIS B 200 35.03 -24.55 -17.07
CA HIS B 200 36.15 -24.32 -17.97
C HIS B 200 35.72 -24.38 -19.44
N ILE B 201 35.01 -25.45 -19.77
CA ILE B 201 34.51 -25.64 -21.11
C ILE B 201 33.72 -24.41 -21.55
N LEU B 202 32.69 -24.10 -20.77
CA LEU B 202 31.81 -22.96 -21.02
C LEU B 202 32.55 -21.64 -21.11
N GLN B 203 33.62 -21.51 -20.35
CA GLN B 203 34.41 -20.30 -20.39
C GLN B 203 35.12 -20.21 -21.74
N GLU B 204 35.72 -21.32 -22.17
CA GLU B 204 36.43 -21.38 -23.45
C GLU B 204 35.49 -21.20 -24.65
N LYS B 205 34.38 -21.91 -24.62
CA LYS B 205 33.39 -21.88 -25.70
C LYS B 205 32.40 -20.70 -25.55
N GLY B 206 32.85 -19.68 -24.84
CA GLY B 206 32.05 -18.51 -24.56
C GLY B 206 30.93 -18.06 -25.48
N ASP B 207 31.24 -17.71 -26.73
CA ASP B 207 30.25 -17.22 -27.69
C ASP B 207 29.36 -18.27 -28.36
N GLU B 208 29.51 -19.52 -27.96
CA GLU B 208 28.73 -20.60 -28.54
C GLU B 208 27.40 -20.85 -27.84
N ASN B 209 26.40 -21.28 -28.59
CA ASN B 209 25.10 -21.57 -28.02
C ASN B 209 25.23 -22.72 -27.04
N ILE B 210 24.54 -22.61 -25.92
CA ILE B 210 24.61 -23.61 -24.85
C ILE B 210 24.24 -25.05 -25.27
N ILE B 211 23.23 -25.19 -26.14
CA ILE B 211 22.81 -26.51 -26.58
C ILE B 211 23.87 -27.18 -27.44
N ASN B 212 24.46 -26.44 -28.37
CA ASN B 212 25.52 -26.98 -29.24
C ASN B 212 26.69 -27.48 -28.39
N VAL B 213 27.18 -26.63 -27.49
CA VAL B 213 28.28 -27.01 -26.64
C VAL B 213 27.92 -28.26 -25.83
N CYS B 214 26.66 -28.41 -25.48
CA CYS B 214 26.23 -29.59 -24.71
C CYS B 214 26.33 -30.86 -25.52
N LYS B 215 26.00 -30.78 -26.82
CA LYS B 215 26.07 -31.94 -27.70
C LYS B 215 27.54 -32.30 -27.94
N GLN B 216 28.34 -31.27 -28.17
CA GLN B 216 29.76 -31.46 -28.40
C GLN B 216 30.41 -32.21 -27.23
N VAL B 217 30.05 -31.81 -26.01
CA VAL B 217 30.61 -32.45 -24.82
C VAL B 217 30.17 -33.90 -24.73
N ASP B 218 28.90 -34.15 -25.03
CA ASP B 218 28.36 -35.50 -25.03
C ASP B 218 29.22 -36.36 -25.95
N ILE B 219 29.46 -35.86 -27.16
CA ILE B 219 30.27 -36.57 -28.15
C ILE B 219 31.69 -36.80 -27.66
N ALA B 220 32.36 -35.71 -27.31
CA ALA B 220 33.73 -35.76 -26.83
C ALA B 220 34.03 -36.80 -25.76
N TYR B 221 33.11 -36.96 -24.81
CA TYR B 221 33.29 -37.92 -23.71
C TYR B 221 32.50 -39.22 -23.87
N ASP B 222 31.81 -39.35 -24.99
CA ASP B 222 31.00 -40.53 -25.28
C ASP B 222 29.97 -40.77 -24.18
N LEU B 223 29.02 -39.86 -24.11
CA LEU B 223 27.92 -39.89 -23.17
C LEU B 223 26.69 -39.95 -24.09
N GLU B 224 25.61 -40.55 -23.62
CA GLU B 224 24.40 -40.63 -24.43
C GLU B 224 23.89 -39.22 -24.65
N LEU B 225 23.46 -38.92 -25.89
CA LEU B 225 22.97 -37.60 -26.26
C LEU B 225 22.00 -37.00 -25.23
N GLY B 226 22.35 -35.84 -24.69
CA GLY B 226 21.52 -35.19 -23.69
C GLY B 226 22.03 -35.24 -22.25
N LYS B 227 22.99 -36.11 -21.97
CA LYS B 227 23.54 -36.24 -20.63
C LYS B 227 24.02 -34.95 -20.00
N THR B 228 24.79 -34.18 -20.78
CA THR B 228 25.32 -32.91 -20.28
C THR B 228 24.18 -31.93 -20.06
N LEU B 229 23.27 -31.83 -21.02
CA LEU B 229 22.14 -30.90 -20.91
C LEU B 229 21.38 -31.19 -19.63
N SER B 230 21.22 -32.47 -19.33
CA SER B 230 20.53 -32.89 -18.12
C SER B 230 21.29 -32.49 -16.87
N GLU B 231 22.61 -32.58 -16.91
CA GLU B 231 23.42 -32.21 -15.77
C GLU B 231 23.28 -30.71 -15.52
N ILE B 232 23.42 -29.92 -16.57
CA ILE B 232 23.31 -28.47 -16.45
C ILE B 232 21.93 -28.07 -16.00
N ARG B 233 20.92 -28.76 -16.52
CA ARG B 233 19.54 -28.49 -16.16
C ARG B 233 19.40 -28.66 -14.64
N ALA B 234 19.99 -29.72 -14.10
CA ALA B 234 19.94 -30.01 -12.66
C ALA B 234 20.72 -29.00 -11.83
N LEU B 235 21.90 -28.62 -12.30
CA LEU B 235 22.72 -27.66 -11.54
C LEU B 235 22.15 -26.25 -11.64
N THR B 236 21.39 -25.97 -12.69
CA THR B 236 20.77 -24.67 -12.87
C THR B 236 19.51 -24.59 -11.99
N ALA B 237 18.69 -25.62 -12.04
CA ALA B 237 17.47 -25.68 -11.22
C ALA B 237 17.76 -25.56 -9.74
N ASN B 238 18.94 -25.99 -9.31
CA ASN B 238 19.30 -25.90 -7.90
C ASN B 238 20.06 -24.61 -7.61
N GLY B 239 20.38 -23.85 -8.64
CA GLY B 239 21.06 -22.59 -8.45
C GLY B 239 22.58 -22.56 -8.48
N PHE B 240 23.21 -23.66 -8.84
CA PHE B 240 24.66 -23.72 -8.89
C PHE B 240 25.14 -23.06 -10.19
N ILE B 241 24.21 -22.94 -11.12
CA ILE B 241 24.46 -22.31 -12.41
C ILE B 241 23.37 -21.25 -12.59
N LYS B 242 23.77 -20.02 -12.89
CA LYS B 242 22.84 -18.92 -13.10
C LYS B 242 22.90 -18.57 -14.58
N PHE B 243 21.78 -18.13 -15.15
CA PHE B 243 21.77 -17.75 -16.56
C PHE B 243 20.85 -16.57 -16.80
N ASN B 244 20.76 -16.13 -18.05
CA ASN B 244 19.91 -15.02 -18.40
C ASN B 244 18.47 -15.56 -18.51
N ILE B 245 17.76 -15.51 -17.38
CA ILE B 245 16.39 -15.98 -17.27
C ILE B 245 15.41 -15.27 -18.21
N TYR B 246 15.76 -14.07 -18.65
CA TYR B 246 14.90 -13.32 -19.54
C TYR B 246 15.00 -13.77 -20.98
N LYS B 247 15.87 -14.75 -21.22
CA LYS B 247 16.08 -15.32 -22.54
C LYS B 247 15.85 -16.82 -22.38
N SER B 248 15.27 -17.45 -23.40
CA SER B 248 15.02 -18.89 -23.37
C SER B 248 16.36 -19.54 -23.08
N PHE B 249 16.37 -20.50 -22.16
CA PHE B 249 17.61 -21.19 -21.84
C PHE B 249 18.30 -21.73 -23.10
N ARG B 250 17.53 -22.34 -24.01
CA ARG B 250 18.10 -22.88 -25.24
C ARG B 250 18.72 -21.81 -26.13
N ALA B 251 18.38 -20.54 -25.92
CA ALA B 251 18.91 -19.47 -26.73
C ALA B 251 20.07 -18.77 -26.03
N ASN B 252 20.43 -19.26 -24.85
CA ASN B 252 21.51 -18.66 -24.08
C ASN B 252 22.84 -19.04 -24.72
N LYS B 253 23.81 -18.16 -24.56
CA LYS B 253 25.17 -18.42 -25.06
C LYS B 253 25.90 -18.90 -23.82
N CYS B 254 27.05 -19.54 -24.00
CA CYS B 254 27.81 -20.06 -22.85
C CYS B 254 28.22 -18.96 -21.87
N ALA B 255 28.53 -17.78 -22.41
CA ALA B 255 28.94 -16.66 -21.57
C ALA B 255 27.79 -16.14 -20.72
N ASP B 256 26.57 -16.59 -21.03
CA ASP B 256 25.38 -16.19 -20.30
C ASP B 256 25.22 -17.00 -19.02
N LEU B 257 25.91 -18.13 -18.94
CA LEU B 257 25.84 -18.95 -17.74
C LEU B 257 26.96 -18.55 -16.80
N CYS B 258 26.74 -18.75 -15.50
CA CYS B 258 27.70 -18.40 -14.49
C CYS B 258 27.75 -19.59 -13.54
N ILE B 259 28.92 -20.19 -13.37
CA ILE B 259 29.06 -21.35 -12.51
C ILE B 259 29.76 -20.99 -11.21
N SER B 260 29.43 -21.70 -10.14
CA SER B 260 30.02 -21.43 -8.83
C SER B 260 31.07 -22.42 -8.36
N GLN B 261 31.69 -22.09 -7.22
CA GLN B 261 32.75 -22.89 -6.60
C GLN B 261 32.23 -23.77 -5.45
N VAL B 262 30.92 -23.77 -5.26
CA VAL B 262 30.28 -24.55 -4.20
C VAL B 262 30.72 -26.01 -4.06
N VAL B 263 31.10 -26.36 -2.84
CA VAL B 263 31.52 -27.70 -2.47
C VAL B 263 30.51 -28.16 -1.42
N ASN B 264 30.37 -29.46 -1.19
CA ASN B 264 29.39 -29.97 -0.21
C ASN B 264 29.34 -29.35 1.18
N MET B 265 30.19 -28.35 1.44
CA MET B 265 30.18 -27.65 2.73
C MET B 265 28.97 -26.69 2.83
N GLU B 266 27.78 -27.23 2.57
CA GLU B 266 26.51 -26.49 2.60
C GLU B 266 25.62 -27.09 3.70
N GLU B 267 26.07 -26.89 4.93
CA GLU B 267 25.38 -27.41 6.10
C GLU B 267 24.93 -26.26 7.01
MG MG C . -10.76 10.77 -5.62
MG MG D . -12.00 7.74 -3.50
CL CL E . -16.07 7.27 -1.30
MG MG F . 4.72 -15.42 3.30
MG MG G . 2.81 -14.53 0.03
CL CL H . 2.42 -17.21 -3.65
#